data_5NGR
#
_entry.id   5NGR
#
_cell.length_a   59.902
_cell.length_b   67.842
_cell.length_c   82.131
_cell.angle_alpha   90.00
_cell.angle_beta   90.00
_cell.angle_gamma   90.00
#
_symmetry.space_group_name_H-M   'P 21 21 21'
#
loop_
_entity.id
_entity.type
_entity.pdbx_description
1 polymer '7,8-dihydro-8-oxoguanine triphosphatase'
2 non-polymer 8-methylsulfanyl-7~{H}-purin-6-amine
3 non-polymer 'SULFATE ION'
4 water water
#
_entity_poly.entity_id   1
_entity_poly.type   'polypeptide(L)'
_entity_poly.pdbx_seq_one_letter_code
;GSHMGASRLYTLVLVLQPQRVLLGMKKRGFGAGRWNGFGGKVQEGETIEDGARRELQEESGLTVDALHKVGQIVFEFVGE
PELMDVHVFCTDSIQGTPVESDEMRPCWFQLDQIPFKDMWPDDSYWFPLLLQKKKFHGYFKFQGQDTILDYTLREVDTV
;
_entity_poly.pdbx_strand_id   A,B
#
loop_
_chem_comp.id
_chem_comp.type
_chem_comp.name
_chem_comp.formula
8WT non-polymer 8-methylsulfanyl-7~{H}-purin-6-amine 'C6 H7 N5 S'
SO4 non-polymer 'SULFATE ION' 'O4 S -2'
#
# COMPACT_ATOMS: atom_id res chain seq x y z
N ALA A 6 -16.45 6.96 -12.66
CA ALA A 6 -15.60 7.93 -13.43
C ALA A 6 -14.15 7.43 -13.44
N SER A 7 -13.95 6.27 -14.05
CA SER A 7 -12.63 5.75 -14.36
C SER A 7 -12.52 5.46 -15.86
N ARG A 8 -11.29 5.51 -16.34
CA ARG A 8 -10.99 5.42 -17.75
C ARG A 8 -9.84 4.43 -17.82
N LEU A 9 -9.94 3.49 -18.75
CA LEU A 9 -8.97 2.43 -18.93
C LEU A 9 -7.75 2.93 -19.75
N TYR A 10 -6.56 2.65 -19.22
CA TYR A 10 -5.28 2.89 -19.87
C TYR A 10 -4.41 1.68 -19.74
N THR A 11 -3.37 1.61 -20.57
CA THR A 11 -2.41 0.52 -20.59
C THR A 11 -1.00 1.07 -20.35
N LEU A 12 -0.16 0.25 -19.78
CA LEU A 12 1.23 0.53 -19.57
C LEU A 12 1.97 -0.76 -19.85
N VAL A 13 2.95 -0.71 -20.76
CA VAL A 13 3.71 -1.87 -21.19
C VAL A 13 5.21 -1.64 -20.95
N LEU A 14 5.83 -2.58 -20.25
CA LEU A 14 7.27 -2.55 -20.00
C LEU A 14 7.96 -3.69 -20.74
N VAL A 15 8.91 -3.34 -21.60
CA VAL A 15 9.71 -4.35 -22.25
C VAL A 15 10.92 -4.68 -21.38
N LEU A 16 10.91 -5.85 -20.78
CA LEU A 16 11.86 -6.18 -19.73
C LEU A 16 12.67 -7.42 -20.12
N GLN A 17 13.94 -7.21 -20.47
CA GLN A 17 14.85 -8.32 -20.82
C GLN A 17 15.71 -8.62 -19.60
N PRO A 18 16.44 -9.76 -19.60
CA PRO A 18 17.15 -10.16 -18.36
C PRO A 18 18.05 -9.11 -17.72
N GLN A 19 18.74 -8.29 -18.52
CA GLN A 19 19.63 -7.29 -18.00
C GLN A 19 19.28 -5.85 -18.34
N ARG A 20 18.12 -5.62 -18.96
CA ARG A 20 17.75 -4.27 -19.39
C ARG A 20 16.24 -4.07 -19.62
N VAL A 21 15.84 -2.81 -19.65
CA VAL A 21 14.45 -2.42 -19.78
C VAL A 21 14.36 -1.30 -20.83
N LEU A 22 13.35 -1.37 -21.69
CA LEU A 22 13.11 -0.33 -22.67
C LEU A 22 12.19 0.74 -22.09
N LEU A 23 12.64 2.00 -22.15
CA LEU A 23 11.83 3.12 -21.81
C LEU A 23 11.82 4.10 -22.95
N GLY A 24 10.85 5.00 -22.93
CA GLY A 24 10.65 6.01 -23.98
C GLY A 24 10.62 7.41 -23.40
N MET A 25 11.44 8.31 -23.94
CA MET A 25 11.47 9.70 -23.55
C MET A 25 10.27 10.36 -24.21
N LYS A 26 9.35 10.85 -23.38
CA LYS A 26 8.10 11.38 -23.87
C LYS A 26 8.38 12.82 -24.32
N LYS A 27 8.03 13.10 -25.57
CA LYS A 27 8.43 14.35 -26.22
C LYS A 27 7.37 15.42 -26.05
N ARG A 28 6.12 15.04 -26.27
CA ARG A 28 4.98 15.97 -26.22
C ARG A 28 3.96 15.63 -25.12
N GLY A 29 3.38 16.66 -24.52
CA GLY A 29 2.14 16.52 -23.75
C GLY A 29 2.29 16.03 -22.32
N PHE A 30 1.43 15.07 -21.95
CA PHE A 30 1.34 14.57 -20.58
C PHE A 30 2.54 13.67 -20.25
N GLY A 31 3.27 14.01 -19.20
CA GLY A 31 4.52 13.36 -18.83
C GLY A 31 5.72 13.60 -19.75
N ALA A 32 5.73 14.73 -20.46
CA ALA A 32 6.86 15.05 -21.35
C ALA A 32 8.14 15.32 -20.52
N GLY A 33 9.28 14.92 -21.06
CA GLY A 33 10.53 15.08 -20.35
C GLY A 33 10.84 13.98 -19.36
N ARG A 34 9.98 12.95 -19.28
CA ARG A 34 10.24 11.79 -18.47
C ARG A 34 10.39 10.57 -19.33
N TRP A 35 11.15 9.60 -18.83
CA TRP A 35 11.22 8.28 -19.39
C TRP A 35 10.03 7.47 -18.88
N ASN A 36 9.22 6.95 -19.81
CA ASN A 36 7.94 6.35 -19.52
C ASN A 36 7.96 4.94 -20.07
N GLY A 37 7.05 4.11 -19.56
CA GLY A 37 6.68 2.87 -20.26
C GLY A 37 5.79 3.25 -21.41
N PHE A 38 5.50 2.31 -22.30
CA PHE A 38 4.64 2.57 -23.44
C PHE A 38 3.19 2.33 -23.06
N GLY A 39 2.27 3.01 -23.72
CA GLY A 39 0.84 2.87 -23.44
C GLY A 39 0.01 4.10 -23.66
N GLY A 40 -1.20 4.08 -23.16
CA GLY A 40 -2.21 5.07 -23.47
C GLY A 40 -3.63 4.55 -23.26
N LYS A 41 -4.59 5.28 -23.82
CA LYS A 41 -6.01 4.98 -23.61
C LYS A 41 -6.45 3.74 -24.38
N VAL A 42 -7.27 2.92 -23.73
CA VAL A 42 -7.95 1.86 -24.46
C VAL A 42 -9.12 2.48 -25.25
N GLN A 43 -9.27 2.11 -26.51
CA GLN A 43 -10.38 2.53 -27.36
C GLN A 43 -11.62 1.60 -27.35
N GLU A 44 -12.73 2.13 -27.84
CA GLU A 44 -13.92 1.36 -28.22
C GLU A 44 -13.51 0.29 -29.22
N GLY A 45 -13.99 -0.94 -29.03
CA GLY A 45 -13.80 -1.99 -30.02
C GLY A 45 -12.54 -2.82 -29.90
N GLU A 46 -11.72 -2.56 -28.90
CA GLU A 46 -10.52 -3.34 -28.66
C GLU A 46 -10.49 -3.79 -27.19
N THR A 47 -9.91 -4.96 -26.95
CA THR A 47 -9.64 -5.42 -25.60
C THR A 47 -8.49 -4.58 -24.97
N ILE A 48 -8.32 -4.73 -23.65
CA ILE A 48 -7.24 -4.06 -22.96
C ILE A 48 -5.89 -4.53 -23.52
N GLU A 49 -5.72 -5.83 -23.74
CA GLU A 49 -4.47 -6.35 -24.29
C GLU A 49 -4.22 -5.87 -25.75
N ASP A 50 -5.27 -5.80 -26.56
CA ASP A 50 -5.14 -5.27 -27.94
C ASP A 50 -4.67 -3.82 -27.92
N GLY A 51 -5.22 -3.05 -26.97
CA GLY A 51 -4.86 -1.66 -26.82
C GLY A 51 -3.41 -1.51 -26.43
N ALA A 52 -2.93 -2.41 -25.59
CA ALA A 52 -1.52 -2.43 -25.16
C ALA A 52 -0.61 -2.70 -26.36
N ARG A 53 -0.94 -3.73 -27.14
CA ARG A 53 -0.15 -4.07 -28.32
C ARG A 53 -0.16 -2.92 -29.33
N ARG A 54 -1.34 -2.33 -29.52
CA ARG A 54 -1.50 -1.24 -30.45
C ARG A 54 -0.59 -0.04 -30.09
N GLU A 55 -0.66 0.41 -28.84
CA GLU A 55 0.14 1.53 -28.37
C GLU A 55 1.65 1.28 -28.43
N LEU A 56 2.08 0.05 -28.14
CA LEU A 56 3.49 -0.30 -28.18
C LEU A 56 4.04 -0.20 -29.62
N GLN A 57 3.27 -0.74 -30.56
CA GLN A 57 3.50 -0.63 -31.99
C GLN A 57 3.56 0.83 -32.45
N GLU A 58 2.54 1.63 -32.12
CA GLU A 58 2.49 3.03 -32.49
C GLU A 58 3.64 3.87 -31.93
N GLU A 59 4.10 3.55 -30.74
CA GLU A 59 5.05 4.43 -30.05
C GLU A 59 6.52 4.06 -30.28
N SER A 60 6.77 2.78 -30.56
CA SER A 60 8.11 2.23 -30.67
C SER A 60 8.36 1.39 -31.92
N GLY A 61 7.31 1.13 -32.70
CA GLY A 61 7.41 0.20 -33.82
C GLY A 61 7.39 -1.27 -33.48
N LEU A 62 7.52 -1.64 -32.21
CA LEU A 62 7.58 -3.07 -31.85
C LEU A 62 6.25 -3.79 -31.79
N THR A 63 6.26 -5.05 -32.22
CA THR A 63 5.20 -5.98 -31.92
C THR A 63 5.78 -7.03 -31.01
N VAL A 64 4.92 -7.84 -30.41
CA VAL A 64 5.35 -8.87 -29.49
C VAL A 64 4.60 -10.17 -29.67
N ASP A 65 5.24 -11.24 -29.21
CA ASP A 65 4.66 -12.55 -29.23
C ASP A 65 3.58 -12.67 -28.12
N ALA A 66 3.89 -12.20 -26.92
CA ALA A 66 3.02 -12.37 -25.74
C ALA A 66 3.17 -11.23 -24.75
N LEU A 67 2.07 -10.88 -24.08
CA LEU A 67 2.05 -9.87 -23.04
C LEU A 67 1.59 -10.54 -21.75
N HIS A 68 2.20 -10.23 -20.62
CA HIS A 68 1.80 -10.77 -19.31
C HIS A 68 1.28 -9.64 -18.41
N LYS A 69 0.09 -9.81 -17.86
CA LYS A 69 -0.51 -8.82 -16.95
C LYS A 69 0.27 -8.89 -15.64
N VAL A 70 0.93 -7.81 -15.24
CA VAL A 70 1.66 -7.81 -13.96
C VAL A 70 1.08 -6.89 -12.86
N GLY A 71 0.20 -5.95 -13.17
CA GLY A 71 -0.36 -5.10 -12.16
C GLY A 71 -1.49 -4.24 -12.63
N GLN A 72 -2.10 -3.57 -11.67
CA GLN A 72 -3.15 -2.60 -11.93
C GLN A 72 -2.92 -1.46 -10.95
N ILE A 73 -2.89 -0.24 -11.46
CA ILE A 73 -2.69 0.94 -10.65
C ILE A 73 -3.76 1.93 -10.94
N VAL A 74 -4.38 2.49 -9.91
CA VAL A 74 -5.33 3.58 -10.08
C VAL A 74 -4.65 4.90 -9.69
N PHE A 75 -4.74 5.88 -10.56
CA PHE A 75 -4.24 7.24 -10.32
C PHE A 75 -5.40 8.20 -10.25
N GLU A 76 -5.36 9.01 -9.22
CA GLU A 76 -6.24 10.13 -9.04
C GLU A 76 -5.37 11.36 -9.11
N PHE A 77 -5.80 12.32 -9.94
CA PHE A 77 -5.23 13.67 -9.95
C PHE A 77 -6.21 14.67 -9.32
N VAL A 78 -5.71 15.47 -8.38
CA VAL A 78 -6.50 16.52 -7.71
C VAL A 78 -7.08 17.46 -8.78
N GLY A 79 -8.38 17.71 -8.72
CA GLY A 79 -9.08 18.55 -9.70
C GLY A 79 -9.63 17.84 -10.94
N GLU A 80 -9.31 16.55 -11.12
CA GLU A 80 -9.67 15.82 -12.34
C GLU A 80 -10.77 14.83 -12.08
N PRO A 81 -11.89 14.93 -12.81
CA PRO A 81 -13.03 14.04 -12.54
C PRO A 81 -12.79 12.54 -12.81
N GLU A 82 -12.03 12.20 -13.86
CA GLU A 82 -11.83 10.81 -14.23
C GLU A 82 -10.62 10.25 -13.52
N LEU A 83 -10.75 9.09 -12.89
CA LEU A 83 -9.60 8.37 -12.37
C LEU A 83 -8.96 7.63 -13.53
N MET A 84 -7.64 7.47 -13.51
CA MET A 84 -6.98 6.59 -14.50
C MET A 84 -6.84 5.18 -13.94
N ASP A 85 -7.42 4.20 -14.61
CA ASP A 85 -7.28 2.80 -14.23
C ASP A 85 -6.27 2.11 -15.19
N VAL A 86 -5.05 1.91 -14.73
CA VAL A 86 -3.94 1.49 -15.58
C VAL A 86 -3.66 0.01 -15.41
N HIS A 87 -3.79 -0.74 -16.48
CA HIS A 87 -3.37 -2.13 -16.50
C HIS A 87 -1.91 -2.22 -17.04
N VAL A 88 -1.03 -2.77 -16.21
CA VAL A 88 0.40 -2.87 -16.47
C VAL A 88 0.72 -4.26 -17.04
N PHE A 89 1.46 -4.29 -18.14
CA PHE A 89 1.89 -5.53 -18.80
C PHE A 89 3.40 -5.52 -18.92
N CYS A 90 3.99 -6.70 -18.92
CA CYS A 90 5.39 -6.78 -19.34
C CYS A 90 5.61 -7.91 -20.33
N THR A 91 6.75 -7.79 -21.02
CA THR A 91 7.12 -8.72 -22.07
C THR A 91 8.64 -8.76 -22.30
N ASP A 92 9.15 -9.98 -22.57
CA ASP A 92 10.53 -10.25 -23.01
C ASP A 92 10.63 -10.59 -24.51
N SER A 93 9.54 -11.09 -25.11
CA SER A 93 9.50 -11.59 -26.49
C SER A 93 9.22 -10.53 -27.56
N ILE A 94 10.11 -9.56 -27.71
CA ILE A 94 9.91 -8.54 -28.75
C ILE A 94 10.31 -9.05 -30.13
N GLN A 95 9.71 -8.43 -31.14
CA GLN A 95 9.92 -8.78 -32.54
C GLN A 95 10.17 -7.43 -33.15
N GLY A 96 11.26 -7.29 -33.85
CA GLY A 96 11.67 -6.00 -34.37
C GLY A 96 12.66 -5.26 -33.50
N THR A 97 13.06 -4.10 -33.99
CA THR A 97 14.00 -3.21 -33.33
C THR A 97 13.24 -1.91 -33.02
N PRO A 98 13.39 -1.38 -31.80
CA PRO A 98 12.62 -0.17 -31.48
C PRO A 98 13.09 1.05 -32.26
N VAL A 99 12.15 1.88 -32.69
CA VAL A 99 12.47 3.11 -33.40
C VAL A 99 11.62 4.24 -32.88
N GLU A 100 12.10 5.45 -33.13
CA GLU A 100 11.49 6.66 -32.62
C GLU A 100 10.16 6.87 -33.30
N SER A 101 9.20 7.42 -32.55
CA SER A 101 7.92 7.82 -33.11
C SER A 101 7.82 9.29 -32.85
N ASP A 102 6.76 9.91 -33.36
CA ASP A 102 6.42 11.28 -33.01
C ASP A 102 6.30 11.49 -31.50
N GLU A 103 5.72 10.53 -30.79
CA GLU A 103 5.49 10.66 -29.35
C GLU A 103 6.75 10.41 -28.50
N MET A 104 7.47 9.33 -28.80
CA MET A 104 8.48 8.79 -27.90
C MET A 104 9.79 8.41 -28.56
N ARG A 105 10.88 8.69 -27.87
CA ARG A 105 12.20 8.23 -28.29
C ARG A 105 12.64 7.06 -27.39
N PRO A 106 12.68 5.83 -27.94
CA PRO A 106 13.05 4.69 -27.08
C PRO A 106 14.55 4.57 -26.79
N CYS A 107 14.89 3.99 -25.65
CA CYS A 107 16.27 3.72 -25.25
C CYS A 107 16.31 2.61 -24.18
N TRP A 108 17.31 1.74 -24.27
CA TRP A 108 17.51 0.67 -23.31
C TRP A 108 18.24 1.19 -22.10
N PHE A 109 17.90 0.69 -20.94
CA PHE A 109 18.61 0.99 -19.69
C PHE A 109 18.91 -0.31 -18.97
N GLN A 110 20.16 -0.44 -18.55
CA GLN A 110 20.58 -1.51 -17.66
C GLN A 110 19.79 -1.38 -16.36
N LEU A 111 19.43 -2.52 -15.76
CA LEU A 111 18.58 -2.56 -14.55
C LEU A 111 19.18 -1.86 -13.34
N ASP A 112 20.50 -1.74 -13.30
CA ASP A 112 21.16 -0.97 -12.24
C ASP A 112 21.39 0.49 -12.63
N GLN A 113 20.84 0.94 -13.75
CA GLN A 113 20.93 2.37 -14.16
C GLN A 113 19.56 2.90 -14.64
N ILE A 114 18.49 2.47 -13.98
CA ILE A 114 17.14 2.94 -14.27
C ILE A 114 17.09 4.40 -13.80
N PRO A 115 16.70 5.32 -14.68
CA PRO A 115 16.77 6.73 -14.38
C PRO A 115 15.57 7.25 -13.58
N PHE A 116 15.45 6.80 -12.34
CA PHE A 116 14.28 7.05 -11.49
C PHE A 116 14.01 8.49 -11.26
N LYS A 117 15.06 9.31 -11.23
CA LYS A 117 14.90 10.74 -11.01
C LYS A 117 14.30 11.48 -12.18
N ASP A 118 14.35 10.91 -13.38
CA ASP A 118 13.65 11.46 -14.53
C ASP A 118 12.47 10.59 -15.00
N MET A 119 11.76 10.01 -14.05
CA MET A 119 10.59 9.18 -14.33
C MET A 119 9.44 9.69 -13.48
N TRP A 120 8.22 9.27 -13.79
CA TRP A 120 7.11 9.51 -12.86
C TRP A 120 7.45 9.01 -11.45
N PRO A 121 7.17 9.80 -10.40
CA PRO A 121 7.61 9.41 -9.04
C PRO A 121 6.99 8.12 -8.49
N ASP A 122 5.79 7.73 -8.93
CA ASP A 122 5.23 6.41 -8.57
C ASP A 122 6.12 5.23 -8.97
N ASP A 123 6.83 5.34 -10.09
CA ASP A 123 7.74 4.26 -10.56
C ASP A 123 8.75 3.81 -9.50
N SER A 124 9.26 4.71 -8.68
CA SER A 124 10.17 4.30 -7.58
C SER A 124 9.53 3.30 -6.62
N TYR A 125 8.20 3.32 -6.50
CA TYR A 125 7.51 2.44 -5.58
C TYR A 125 7.21 1.10 -6.16
N TRP A 126 6.71 1.03 -7.38
CA TRP A 126 6.20 -0.25 -7.90
C TRP A 126 7.15 -0.96 -8.83
N PHE A 127 8.13 -0.24 -9.39
CA PHE A 127 9.11 -0.93 -10.29
C PHE A 127 9.84 -2.08 -9.62
N PRO A 128 10.27 -1.90 -8.37
CA PRO A 128 10.88 -3.03 -7.70
C PRO A 128 10.01 -4.30 -7.69
N LEU A 129 8.70 -4.15 -7.56
CA LEU A 129 7.79 -5.27 -7.57
C LEU A 129 7.77 -5.93 -8.94
N LEU A 130 7.73 -5.12 -9.98
CA LEU A 130 7.84 -5.60 -11.34
C LEU A 130 9.18 -6.37 -11.55
N LEU A 131 10.28 -5.80 -11.07
CA LEU A 131 11.58 -6.44 -11.26
C LEU A 131 11.72 -7.74 -10.50
N GLN A 132 10.98 -7.92 -9.42
CA GLN A 132 10.93 -9.19 -8.70
C GLN A 132 9.86 -10.15 -9.18
N LYS A 133 9.23 -9.86 -10.31
CA LYS A 133 8.16 -10.72 -10.83
C LYS A 133 7.02 -10.95 -9.83
N LYS A 134 6.67 -9.91 -9.09
CA LYS A 134 5.49 -9.92 -8.22
C LYS A 134 4.37 -9.17 -8.89
N LYS A 135 3.15 -9.68 -8.79
CA LYS A 135 1.96 -9.02 -9.28
C LYS A 135 1.44 -8.07 -8.22
N PHE A 136 0.87 -6.93 -8.61
CA PHE A 136 0.52 -5.90 -7.62
C PHE A 136 -0.72 -5.07 -7.95
N HIS A 137 -1.32 -4.51 -6.91
CA HIS A 137 -2.36 -3.50 -7.02
C HIS A 137 -1.86 -2.27 -6.32
N GLY A 138 -2.00 -1.13 -6.99
CA GLY A 138 -1.64 0.15 -6.42
C GLY A 138 -2.68 1.25 -6.61
N TYR A 139 -2.53 2.29 -5.79
CA TYR A 139 -3.31 3.48 -5.86
C TYR A 139 -2.42 4.65 -5.53
N PHE A 140 -2.45 5.70 -6.33
CA PHE A 140 -1.68 6.94 -6.10
C PHE A 140 -2.54 8.15 -6.31
N LYS A 141 -2.58 9.03 -5.31
CA LYS A 141 -3.19 10.36 -5.44
C LYS A 141 -2.11 11.39 -5.68
N PHE A 142 -2.16 12.04 -6.83
CA PHE A 142 -1.23 13.11 -7.17
C PHE A 142 -1.84 14.51 -7.05
N GLN A 143 -1.02 15.48 -6.66
CA GLN A 143 -1.32 16.92 -6.87
C GLN A 143 -0.42 17.42 -7.99
N GLY A 144 -1.00 17.62 -9.17
CA GLY A 144 -0.18 17.92 -10.36
C GLY A 144 0.70 16.74 -10.73
N GLN A 145 1.78 17.00 -11.45
CA GLN A 145 2.60 15.90 -11.97
C GLN A 145 3.78 15.48 -11.09
N ASP A 146 4.06 16.24 -10.03
CA ASP A 146 5.28 15.97 -9.25
C ASP A 146 5.08 15.46 -7.81
N THR A 147 3.87 15.61 -7.24
CA THR A 147 3.63 15.34 -5.82
C THR A 147 2.62 14.20 -5.58
N ILE A 148 3.04 13.16 -4.88
CA ILE A 148 2.17 12.09 -4.42
C ILE A 148 1.67 12.48 -3.03
N LEU A 149 0.35 12.60 -2.87
CA LEU A 149 -0.24 12.95 -1.57
C LEU A 149 -0.50 11.70 -0.71
N ASP A 150 -0.99 10.64 -1.34
CA ASP A 150 -1.36 9.39 -0.71
C ASP A 150 -1.06 8.24 -1.65
N TYR A 151 -0.77 7.08 -1.09
CA TYR A 151 -0.67 5.88 -1.88
C TYR A 151 -0.93 4.64 -1.07
N THR A 152 -1.34 3.58 -1.77
CA THR A 152 -1.30 2.24 -1.27
C THR A 152 -0.74 1.29 -2.28
N LEU A 153 -0.13 0.24 -1.80
CA LEU A 153 0.49 -0.75 -2.66
C LEU A 153 0.52 -2.14 -2.04
N ARG A 154 0.06 -3.13 -2.73
CA ARG A 154 0.12 -4.49 -2.21
C ARG A 154 0.34 -5.53 -3.29
N GLU A 155 0.93 -6.65 -2.88
CA GLU A 155 1.09 -7.82 -3.76
C GLU A 155 -0.23 -8.56 -3.84
N VAL A 156 -0.54 -9.09 -5.02
CA VAL A 156 -1.77 -9.90 -5.26
C VAL A 156 -1.42 -11.25 -5.91
N ASP A 157 -2.36 -12.20 -5.87
CA ASP A 157 -2.29 -13.48 -6.62
C ASP A 157 -2.86 -13.32 -8.03
N THR A 158 -3.98 -12.62 -8.11
CA THR A 158 -4.68 -12.38 -9.34
C THR A 158 -4.66 -10.87 -9.60
N VAL A 159 -4.10 -10.47 -10.73
CA VAL A 159 -4.14 -9.07 -11.11
C VAL A 159 -5.56 -8.71 -11.56
N ALA B 6 11.54 13.02 16.93
CA ALA B 6 10.48 13.29 17.94
C ALA B 6 9.36 12.24 17.79
N SER B 7 9.71 11.00 18.10
CA SER B 7 8.75 9.90 18.12
C SER B 7 8.76 9.18 19.49
N ARG B 8 7.66 8.51 19.76
CA ARG B 8 7.45 7.80 20.99
C ARG B 8 6.96 6.41 20.57
N LEU B 9 7.55 5.36 21.15
CA LEU B 9 7.14 3.99 20.89
C LEU B 9 5.86 3.58 21.61
N TYR B 10 4.94 2.98 20.86
CA TYR B 10 3.69 2.38 21.35
C TYR B 10 3.51 1.02 20.75
N THR B 11 2.67 0.21 21.38
CA THR B 11 2.31 -1.14 20.92
C THR B 11 0.80 -1.21 20.66
N LEU B 12 0.44 -2.07 19.73
CA LEU B 12 -0.94 -2.38 19.43
C LEU B 12 -0.99 -3.90 19.19
N VAL B 13 -1.86 -4.59 19.92
CA VAL B 13 -1.98 -6.03 19.91
C VAL B 13 -3.42 -6.43 19.55
N LEU B 14 -3.56 -7.28 18.55
CA LEU B 14 -4.86 -7.80 18.13
C LEU B 14 -4.94 -9.29 18.35
N VAL B 15 -5.93 -9.71 19.12
CA VAL B 15 -6.19 -11.14 19.28
C VAL B 15 -7.13 -11.59 18.16
N LEU B 16 -6.59 -12.34 17.21
CA LEU B 16 -7.32 -12.65 15.98
C LEU B 16 -7.50 -14.16 15.84
N GLN B 17 -8.74 -14.63 16.06
CA GLN B 17 -9.05 -16.06 15.93
C GLN B 17 -9.73 -16.26 14.57
N PRO B 18 -9.89 -17.53 14.11
CA PRO B 18 -10.41 -17.74 12.75
C PRO B 18 -11.73 -17.05 12.40
N GLN B 19 -12.64 -16.91 13.34
CA GLN B 19 -13.93 -16.29 13.04
C GLN B 19 -14.22 -15.00 13.82
N ARG B 20 -13.25 -14.54 14.62
CA ARG B 20 -13.49 -13.39 15.48
C ARG B 20 -12.21 -12.68 15.94
N VAL B 21 -12.41 -11.46 16.42
CA VAL B 21 -11.32 -10.60 16.86
C VAL B 21 -11.71 -9.99 18.20
N LEU B 22 -10.75 -9.92 19.12
CA LEU B 22 -10.96 -9.26 20.39
C LEU B 22 -10.60 -7.79 20.29
N LEU B 23 -11.53 -6.94 20.69
CA LEU B 23 -11.30 -5.54 20.85
C LEU B 23 -11.71 -5.13 22.26
N GLY B 24 -11.26 -3.95 22.66
CA GLY B 24 -11.54 -3.41 23.97
C GLY B 24 -12.14 -2.03 23.91
N MET B 25 -13.25 -1.86 24.65
CA MET B 25 -13.93 -0.58 24.75
C MET B 25 -13.13 0.20 25.77
N LYS B 26 -12.57 1.32 25.31
CA LYS B 26 -11.71 2.12 26.15
C LYS B 26 -12.59 2.99 27.03
N LYS B 27 -12.39 2.89 28.35
CA LYS B 27 -13.28 3.52 29.31
C LYS B 27 -12.81 4.93 29.68
N ARG B 28 -11.52 5.08 29.92
CA ARG B 28 -10.92 6.35 30.37
C ARG B 28 -9.92 6.96 29.37
N GLY B 29 -9.91 8.28 29.27
CA GLY B 29 -8.79 9.01 28.67
C GLY B 29 -8.76 9.09 27.16
N PHE B 30 -7.57 8.82 26.59
CA PHE B 30 -7.32 8.99 25.16
C PHE B 30 -7.96 7.84 24.38
N GLY B 31 -8.84 8.18 23.41
CA GLY B 31 -9.59 7.18 22.65
C GLY B 31 -10.70 6.49 23.42
N ALA B 32 -11.23 7.14 24.47
CA ALA B 32 -12.34 6.59 25.23
C ALA B 32 -13.61 6.56 24.38
N GLY B 33 -14.42 5.53 24.57
CA GLY B 33 -15.63 5.37 23.77
C GLY B 33 -15.42 4.75 22.39
N ARG B 34 -14.20 4.33 22.08
CA ARG B 34 -13.93 3.58 20.85
C ARG B 34 -13.50 2.18 21.21
N TRP B 35 -13.73 1.27 20.27
CA TRP B 35 -13.18 -0.08 20.37
C TRP B 35 -11.74 -0.02 19.80
N ASN B 36 -10.80 -0.49 20.60
CA ASN B 36 -9.38 -0.34 20.32
C ASN B 36 -8.77 -1.71 20.37
N GLY B 37 -7.62 -1.90 19.74
CA GLY B 37 -6.76 -3.04 20.07
C GLY B 37 -6.11 -2.76 21.43
N PHE B 38 -5.43 -3.72 21.98
CA PHE B 38 -4.76 -3.55 23.26
C PHE B 38 -3.35 -3.00 23.04
N GLY B 39 -2.82 -2.30 24.05
CA GLY B 39 -1.51 -1.69 23.93
C GLY B 39 -1.38 -0.36 24.63
N GLY B 40 -0.30 0.34 24.32
CA GLY B 40 0.11 1.51 25.06
C GLY B 40 1.57 1.84 24.87
N LYS B 41 2.06 2.70 25.76
CA LYS B 41 3.46 3.18 25.68
C LYS B 41 4.44 2.10 26.06
N VAL B 42 5.53 2.01 25.32
CA VAL B 42 6.62 1.14 25.72
C VAL B 42 7.43 1.92 26.78
N GLN B 43 7.80 1.26 27.86
CA GLN B 43 8.60 1.86 28.93
C GLN B 43 10.12 1.66 28.75
N GLU B 44 10.88 2.49 29.47
CA GLU B 44 12.33 2.33 29.62
C GLU B 44 12.60 0.97 30.23
N GLY B 45 13.55 0.22 29.73
CA GLY B 45 13.89 -1.07 30.34
C GLY B 45 13.15 -2.30 29.89
N GLU B 46 12.20 -2.16 28.97
CA GLU B 46 11.51 -3.32 28.40
C GLU B 46 11.62 -3.27 26.86
N THR B 47 11.66 -4.46 26.25
CA THR B 47 11.58 -4.54 24.78
C THR B 47 10.15 -4.20 24.30
N ILE B 48 10.04 -3.97 23.00
CA ILE B 48 8.76 -3.65 22.39
C ILE B 48 7.80 -4.84 22.61
N GLU B 49 8.28 -6.07 22.41
CA GLU B 49 7.43 -7.23 22.63
C GLU B 49 7.03 -7.43 24.12
N ASP B 50 7.94 -7.16 25.06
CA ASP B 50 7.61 -7.19 26.50
C ASP B 50 6.50 -6.19 26.83
N GLY B 51 6.59 -5.01 26.23
CA GLY B 51 5.64 -3.96 26.47
C GLY B 51 4.27 -4.36 25.94
N ALA B 52 4.26 -5.05 24.80
CA ALA B 52 3.02 -5.55 24.20
C ALA B 52 2.36 -6.59 25.13
N ARG B 53 3.15 -7.55 25.60
CA ARG B 53 2.64 -8.60 26.49
C ARG B 53 2.16 -8.00 27.78
N ARG B 54 2.92 -7.03 28.31
CA ARG B 54 2.56 -6.39 29.57
C ARG B 54 1.21 -5.70 29.47
N GLU B 55 1.02 -4.87 28.44
CA GLU B 55 -0.23 -4.13 28.25
C GLU B 55 -1.43 -5.06 28.02
N LEU B 56 -1.23 -6.15 27.29
CA LEU B 56 -2.31 -7.10 27.02
C LEU B 56 -2.81 -7.76 28.31
N GLN B 57 -1.85 -8.20 29.13
CA GLN B 57 -2.07 -8.71 30.49
C GLN B 57 -2.79 -7.69 31.35
N GLU B 58 -2.29 -6.47 31.44
CA GLU B 58 -2.89 -5.41 32.24
C GLU B 58 -4.30 -5.05 31.82
N GLU B 59 -4.59 -5.09 30.54
CA GLU B 59 -5.85 -4.57 30.02
C GLU B 59 -6.96 -5.62 29.89
N SER B 60 -6.59 -6.88 29.74
CA SER B 60 -7.51 -7.96 29.43
C SER B 60 -7.31 -9.21 30.30
N GLY B 61 -6.26 -9.23 31.13
CA GLY B 61 -5.87 -10.42 31.86
C GLY B 61 -5.19 -11.49 31.10
N LEU B 62 -5.14 -11.42 29.76
CA LEU B 62 -4.55 -12.51 28.98
C LEU B 62 -3.03 -12.48 28.90
N THR B 63 -2.46 -13.67 28.89
CA THR B 63 -1.10 -13.88 28.43
C THR B 63 -1.23 -14.75 27.20
N VAL B 64 -0.14 -14.87 26.48
CA VAL B 64 -0.14 -15.59 25.21
C VAL B 64 1.13 -16.39 25.04
N ASP B 65 1.03 -17.38 24.18
CA ASP B 65 2.13 -18.28 23.88
C ASP B 65 3.13 -17.57 22.98
N ALA B 66 2.63 -16.88 21.95
CA ALA B 66 3.48 -16.18 20.97
C ALA B 66 2.79 -14.94 20.44
N LEU B 67 3.59 -13.93 20.09
CA LEU B 67 3.11 -12.74 19.40
C LEU B 67 3.81 -12.66 18.06
N HIS B 68 3.07 -12.27 17.00
CA HIS B 68 3.67 -12.10 15.67
C HIS B 68 3.63 -10.61 15.32
N LYS B 69 4.79 -10.06 14.97
CA LYS B 69 4.91 -8.66 14.54
C LYS B 69 4.32 -8.59 13.15
N VAL B 70 3.23 -7.84 12.97
CA VAL B 70 2.59 -7.73 11.67
C VAL B 70 2.67 -6.36 10.97
N GLY B 71 3.02 -5.31 11.68
CA GLY B 71 3.09 -4.02 11.04
C GLY B 71 3.72 -2.95 11.89
N GLN B 72 3.95 -1.82 11.27
CA GLN B 72 4.40 -0.63 11.92
C GLN B 72 3.68 0.54 11.28
N ILE B 73 3.09 1.38 12.10
CA ILE B 73 2.35 2.54 11.62
C ILE B 73 2.85 3.76 12.34
N VAL B 74 3.10 4.84 11.61
CA VAL B 74 3.42 6.11 12.22
C VAL B 74 2.22 7.03 12.12
N PHE B 75 1.84 7.62 13.25
CA PHE B 75 0.76 8.62 13.31
C PHE B 75 1.30 9.97 13.66
N GLU B 76 0.87 10.94 12.89
CA GLU B 76 1.18 12.34 13.13
C GLU B 76 -0.13 13.03 13.37
N PHE B 77 -0.22 13.79 14.46
CA PHE B 77 -1.36 14.66 14.74
C PHE B 77 -0.96 16.13 14.56
N VAL B 78 -1.78 16.87 13.82
CA VAL B 78 -1.58 18.31 13.62
C VAL B 78 -1.58 18.98 15.00
N GLY B 79 -0.57 19.82 15.26
CA GLY B 79 -0.41 20.49 16.55
C GLY B 79 0.42 19.75 17.61
N GLU B 80 0.80 18.50 17.35
CA GLU B 80 1.50 17.67 18.32
C GLU B 80 2.95 17.50 17.93
N PRO B 81 3.88 17.86 18.83
CA PRO B 81 5.31 17.65 18.53
C PRO B 81 5.75 16.17 18.31
N GLU B 82 5.21 15.25 19.10
CA GLU B 82 5.63 13.87 19.07
C GLU B 82 4.86 13.08 18.04
N LEU B 83 5.56 12.32 17.20
CA LEU B 83 4.92 11.29 16.38
C LEU B 83 4.66 10.07 17.24
N MET B 84 3.59 9.33 16.97
CA MET B 84 3.44 7.97 17.56
C MET B 84 4.02 6.93 16.60
N ASP B 85 4.99 6.15 17.06
CA ASP B 85 5.51 5.02 16.31
C ASP B 85 4.95 3.70 16.85
N VAL B 86 3.97 3.12 16.14
CA VAL B 86 3.19 1.99 16.66
C VAL B 86 3.62 0.69 16.03
N HIS B 87 4.06 -0.23 16.87
CA HIS B 87 4.32 -1.59 16.44
C HIS B 87 3.09 -2.48 16.69
N VAL B 88 2.56 -3.06 15.60
CA VAL B 88 1.36 -3.87 15.61
C VAL B 88 1.72 -5.34 15.70
N PHE B 89 1.07 -6.06 16.63
CA PHE B 89 1.26 -7.51 16.82
C PHE B 89 -0.09 -8.18 16.73
N CYS B 90 -0.07 -9.45 16.36
CA CYS B 90 -1.28 -10.23 16.51
C CYS B 90 -0.98 -11.63 16.99
N THR B 91 -2.03 -12.28 17.49
CA THR B 91 -1.93 -13.61 18.08
C THR B 91 -3.26 -14.38 18.06
N ASP B 92 -3.15 -15.69 17.82
CA ASP B 92 -4.27 -16.65 17.97
C ASP B 92 -4.15 -17.53 19.25
N SER B 93 -2.92 -17.72 19.75
CA SER B 93 -2.62 -18.58 20.89
C SER B 93 -2.81 -17.91 22.26
N ILE B 94 -4.03 -17.57 22.65
CA ILE B 94 -4.25 -17.04 24.00
C ILE B 94 -4.24 -18.14 25.07
N GLN B 95 -3.97 -17.74 26.29
CA GLN B 95 -3.97 -18.63 27.46
C GLN B 95 -4.84 -17.89 28.43
N GLY B 96 -5.91 -18.55 28.86
CA GLY B 96 -6.92 -17.88 29.67
C GLY B 96 -8.06 -17.31 28.85
N THR B 97 -8.99 -16.70 29.57
CA THR B 97 -10.19 -16.08 29.04
C THR B 97 -10.10 -14.60 29.37
N PRO B 98 -10.47 -13.72 28.43
CA PRO B 98 -10.36 -12.29 28.71
C PRO B 98 -11.32 -11.82 29.78
N VAL B 99 -10.86 -10.90 30.61
CA VAL B 99 -11.70 -10.26 31.61
C VAL B 99 -11.49 -8.76 31.58
N GLU B 100 -12.46 -8.06 32.13
CA GLU B 100 -12.48 -6.62 32.15
C GLU B 100 -11.39 -6.11 33.09
N SER B 101 -10.80 -4.97 32.78
CA SER B 101 -9.85 -4.30 33.64
C SER B 101 -10.42 -2.94 33.91
N ASP B 102 -9.73 -2.16 34.73
CA ASP B 102 -10.06 -0.76 34.93
C ASP B 102 -10.10 0.04 33.62
N GLU B 103 -9.14 -0.24 32.74
CA GLU B 103 -9.00 0.52 31.49
C GLU B 103 -9.99 0.11 30.41
N MET B 104 -10.16 -1.20 30.20
CA MET B 104 -10.80 -1.72 29.01
C MET B 104 -11.81 -2.81 29.29
N ARG B 105 -12.91 -2.80 28.55
CA ARG B 105 -13.82 -3.96 28.54
C ARG B 105 -13.61 -4.73 27.24
N PRO B 106 -13.01 -5.95 27.30
CA PRO B 106 -12.91 -6.76 26.10
C PRO B 106 -14.23 -7.37 25.62
N CYS B 107 -14.34 -7.53 24.30
CA CYS B 107 -15.48 -8.14 23.67
C CYS B 107 -15.09 -8.67 22.31
N TRP B 108 -15.59 -9.86 22.01
CA TRP B 108 -15.32 -10.51 20.75
C TRP B 108 -16.27 -9.97 19.70
N PHE B 109 -15.77 -9.83 18.47
CA PHE B 109 -16.57 -9.46 17.32
C PHE B 109 -16.28 -10.42 16.21
N GLN B 110 -17.36 -10.91 15.59
CA GLN B 110 -17.33 -11.61 14.31
C GLN B 110 -16.62 -10.73 13.28
N LEU B 111 -15.81 -11.36 12.42
CA LEU B 111 -15.07 -10.67 11.35
C LEU B 111 -15.96 -9.96 10.35
N ASP B 112 -17.22 -10.38 10.21
CA ASP B 112 -18.17 -9.64 9.39
C ASP B 112 -18.92 -8.55 10.14
N GLN B 113 -18.61 -8.32 11.42
CA GLN B 113 -19.29 -7.30 12.22
C GLN B 113 -18.31 -6.48 13.07
N ILE B 114 -17.19 -6.13 12.45
CA ILE B 114 -16.18 -5.30 13.07
C ILE B 114 -16.78 -3.90 13.08
N PRO B 115 -16.85 -3.26 14.25
CA PRO B 115 -17.55 -2.00 14.38
C PRO B 115 -16.71 -0.78 13.95
N PHE B 116 -16.42 -0.70 12.65
CA PHE B 116 -15.50 0.30 12.10
C PHE B 116 -15.92 1.72 12.35
N LYS B 117 -17.22 1.96 12.46
CA LYS B 117 -17.74 3.30 12.73
C LYS B 117 -17.44 3.79 14.15
N ASP B 118 -17.22 2.87 15.08
CA ASP B 118 -16.84 3.23 16.46
C ASP B 118 -15.38 2.84 16.78
N MET B 119 -14.51 2.96 15.78
CA MET B 119 -13.09 2.67 15.90
C MET B 119 -12.34 3.84 15.36
N TRP B 120 -11.06 3.92 15.69
CA TRP B 120 -10.18 4.84 15.02
C TRP B 120 -10.28 4.68 13.47
N PRO B 121 -10.38 5.80 12.73
CA PRO B 121 -10.63 5.71 11.29
C PRO B 121 -9.52 5.05 10.45
N ASP B 122 -8.27 5.10 10.91
CA ASP B 122 -7.19 4.34 10.23
C ASP B 122 -7.45 2.84 10.12
N ASP B 123 -8.13 2.26 11.12
CA ASP B 123 -8.45 0.83 11.09
C ASP B 123 -9.12 0.36 9.80
N SER B 124 -9.99 1.17 9.22
CA SER B 124 -10.65 0.79 7.93
C SER B 124 -9.64 0.50 6.82
N TYR B 125 -8.46 1.14 6.90
CA TYR B 125 -7.47 1.04 5.83
C TYR B 125 -6.58 -0.15 6.00
N TRP B 126 -6.10 -0.43 7.20
CA TRP B 126 -5.09 -1.47 7.35
C TRP B 126 -5.61 -2.81 7.83
N PHE B 127 -6.82 -2.82 8.39
CA PHE B 127 -7.41 -4.10 8.82
C PHE B 127 -7.50 -5.16 7.75
N PRO B 128 -7.90 -4.78 6.53
CA PRO B 128 -7.88 -5.79 5.46
C PRO B 128 -6.52 -6.49 5.27
N LEU B 129 -5.42 -5.74 5.41
CA LEU B 129 -4.10 -6.33 5.33
C LEU B 129 -3.83 -7.31 6.45
N LEU B 130 -4.23 -6.93 7.64
CA LEU B 130 -4.18 -7.82 8.80
C LEU B 130 -4.99 -9.11 8.54
N LEU B 131 -6.20 -8.97 8.04
CA LEU B 131 -7.07 -10.13 7.83
C LEU B 131 -6.56 -11.04 6.73
N GLN B 132 -5.77 -10.52 5.79
CA GLN B 132 -5.12 -11.37 4.78
C GLN B 132 -3.74 -11.89 5.21
N LYS B 133 -3.37 -11.70 6.47
CA LYS B 133 -2.08 -12.14 6.98
C LYS B 133 -0.91 -11.54 6.22
N LYS B 134 -1.02 -10.27 5.85
CA LYS B 134 0.09 -9.54 5.24
C LYS B 134 0.72 -8.61 6.25
N LYS B 135 2.02 -8.43 6.12
CA LYS B 135 2.77 -7.47 6.89
C LYS B 135 2.75 -6.10 6.21
N PHE B 136 2.76 -5.02 6.98
CA PHE B 136 2.63 -3.68 6.38
C PHE B 136 3.36 -2.56 7.10
N HIS B 137 3.64 -1.50 6.36
CA HIS B 137 4.09 -0.19 6.88
C HIS B 137 3.07 0.83 6.52
N GLY B 138 2.72 1.66 7.50
CA GLY B 138 1.74 2.72 7.30
C GLY B 138 2.14 4.06 7.90
N TYR B 139 1.52 5.11 7.38
CA TYR B 139 1.66 6.44 7.88
C TYR B 139 0.31 7.14 7.75
N PHE B 140 -0.13 7.78 8.83
CA PHE B 140 -1.41 8.52 8.83
C PHE B 140 -1.24 9.88 9.48
N LYS B 141 -1.64 10.91 8.76
CA LYS B 141 -1.66 12.29 9.30
C LYS B 141 -3.09 12.64 9.70
N PHE B 142 -3.32 12.90 10.98
CA PHE B 142 -4.66 13.24 11.49
C PHE B 142 -4.80 14.74 11.83
N GLN B 143 -6.00 15.28 11.63
CA GLN B 143 -6.42 16.54 12.22
C GLN B 143 -7.41 16.23 13.35
N GLY B 144 -6.95 16.36 14.59
CA GLY B 144 -7.75 15.87 15.71
C GLY B 144 -7.93 14.36 15.68
N GLN B 145 -8.97 13.85 16.33
CA GLN B 145 -9.15 12.40 16.45
C GLN B 145 -10.01 11.76 15.37
N ASP B 146 -10.64 12.55 14.52
CA ASP B 146 -11.67 12.01 13.61
C ASP B 146 -11.34 12.12 12.10
N THR B 147 -10.39 12.96 11.70
CA THR B 147 -10.08 13.25 10.29
C THR B 147 -8.65 12.85 9.86
N ILE B 148 -8.53 12.00 8.84
CA ILE B 148 -7.23 11.68 8.22
C ILE B 148 -7.02 12.64 7.08
N LEU B 149 -5.93 13.38 7.10
CA LEU B 149 -5.58 14.30 6.02
C LEU B 149 -4.81 13.63 4.89
N ASP B 150 -3.87 12.76 5.23
CA ASP B 150 -3.22 11.93 4.20
C ASP B 150 -2.64 10.69 4.81
N TYR B 151 -2.32 9.75 3.94
CA TYR B 151 -1.85 8.44 4.38
C TYR B 151 -1.06 7.75 3.31
N THR B 152 -0.22 6.83 3.75
CA THR B 152 0.44 5.85 2.89
C THR B 152 0.37 4.48 3.55
N LEU B 153 0.30 3.47 2.72
CA LEU B 153 0.21 2.13 3.21
C LEU B 153 0.79 1.13 2.20
N ARG B 154 1.68 0.28 2.66
CA ARG B 154 2.43 -0.58 1.77
C ARG B 154 2.63 -1.93 2.41
N GLU B 155 2.39 -3.01 1.68
CA GLU B 155 2.76 -4.36 2.11
C GLU B 155 4.27 -4.53 2.05
N VAL B 156 4.84 -5.20 3.06
CA VAL B 156 6.31 -5.36 3.20
C VAL B 156 6.65 -6.84 3.44
N ASP B 157 7.92 -7.20 3.24
CA ASP B 157 8.46 -8.54 3.60
C ASP B 157 8.94 -8.57 5.05
N THR B 158 9.60 -7.50 5.45
CA THR B 158 10.19 -7.38 6.76
C THR B 158 9.50 -6.20 7.46
N VAL B 159 8.85 -6.47 8.59
CA VAL B 159 8.25 -5.38 9.37
C VAL B 159 9.37 -4.60 10.06
C4 8WT C . 4.06 5.98 -17.46
C5 8WT C . 5.63 4.93 -16.10
C6 8WT C . 3.97 6.04 -15.08
N1 8WT C . 2.30 7.18 -16.07
N2 8WT C . 3.66 6.30 -18.68
C3 8WT C . 3.42 6.41 -16.30
N3 8WT C . 5.21 5.25 -17.33
C1 8WT C . 0.01 8.56 -15.35
S1 8WT C . 0.99 8.19 -13.90
C2 8WT C . 2.21 7.29 -14.78
N4 8WT C . 5.08 5.29 -14.94
N5 8WT C . 3.17 6.59 -14.12
S SO4 D . -6.99 -3.91 -3.97
O1 SO4 D . -8.00 -4.25 -2.93
O2 SO4 D . -5.76 -4.71 -3.78
O3 SO4 D . -6.61 -2.49 -3.89
O4 SO4 D . -7.62 -4.20 -5.30
S SO4 E . -5.51 -11.39 -4.00
O1 SO4 E . -5.15 -11.87 -5.37
O2 SO4 E . -6.23 -12.48 -3.28
O3 SO4 E . -4.27 -11.03 -3.24
O4 SO4 E . -6.42 -10.22 -4.10
S SO4 F . 7.60 -13.21 -22.85
O1 SO4 F . 6.55 -14.22 -23.15
O2 SO4 F . 8.94 -13.66 -23.33
O3 SO4 F . 7.20 -11.94 -23.51
O4 SO4 F . 7.72 -12.97 -21.38
S SO4 G . 3.16 7.16 -22.48
O1 SO4 G . 3.73 6.28 -23.53
O2 SO4 G . 2.57 6.28 -21.45
O3 SO4 G . 4.22 8.02 -21.90
O4 SO4 G . 2.16 8.08 -23.08
C4 8WT H . -5.96 1.63 18.76
C5 8WT H . -6.74 0.36 16.97
C6 8WT H . -5.92 2.39 16.49
N1 8WT H . -5.09 3.90 17.96
N2 8WT H . -5.75 1.74 20.06
C3 8WT H . -5.65 2.63 17.82
N3 8WT H . -6.53 0.48 18.30
C1 8WT H . -3.91 6.58 17.84
S1 8WT H . -4.49 5.95 16.27
C2 8WT H . -5.07 4.39 16.74
N4 8WT H . -6.46 1.25 16.02
N5 8WT H . -5.55 3.51 15.81
S SO4 I . 8.13 2.51 4.04
O1 SO4 I . 7.97 1.03 4.14
O2 SO4 I . 9.05 2.86 5.14
O3 SO4 I . 8.70 2.92 2.74
O4 SO4 I . 6.82 3.23 4.12
S SO4 J . 10.39 -4.57 2.29
O1 SO4 J . 9.14 -5.14 1.72
O2 SO4 J . 11.48 -5.25 1.54
O3 SO4 J . 10.55 -3.11 2.09
O4 SO4 J . 10.50 -4.85 3.75
#